data_9V8G
#
_entry.id   9V8G
#
_cell.length_a   43.820
_cell.length_b   53.860
_cell.length_c   66.860
_cell.angle_alpha   90.000
_cell.angle_beta   106.036
_cell.angle_gamma   90.000
#
_symmetry.space_group_name_H-M   'P 1 21 1'
#
loop_
_entity.id
_entity.type
_entity.pdbx_description
1 polymer 'Peroxisome proliferator-activated receptor gamma'
2 polymer PG08-NL
3 non-polymer DI(HYDROXYETHYL)ETHER
4 water water
#
loop_
_entity_poly.entity_id
_entity_poly.type
_entity_poly.pdbx_seq_one_letter_code
_entity_poly.pdbx_strand_id
1 'polypeptide(L)'
;QLNPESADLRALAKHLYDSYIKSFPLTKAKARAILTGKTTDKSPFVIYDMNSLMMGEDKIKFKHITPLQEQSKEVAIRIF
QGCQFRSVEAVQEITEYAKSIPGFVNLDLNDQVTLLKYGVHEIIYTMLASLMNKDGVLISEGQGFMTREFLKSLRKPFGD
FMEPKFEFAVKFNALELDDSDLAIFIAVIILSGDRPGLLNVKPIEDIQDNLLQALELQLKLNHPESSQLFAKLLQKMTDL
RQIVTEHVQLLQVIKKTETDMSLHPLLQEIYKDLY
;
A
2 'polypeptide(L)' (DTY)KTANSV(AC5)VRH(AC5)LLTAIL(AC5)(NH2) B
#
loop_
_chem_comp.id
_chem_comp.type
_chem_comp.name
_chem_comp.formula
NH2 non-polymer 'AMINO GROUP' 'H2 N'
PEG non-polymer DI(HYDROXYETHYL)ETHER 'C4 H10 O3'
#
# COMPACT_ATOMS: atom_id res chain seq x y z
N GLU A 5 -4.77 -0.99 -30.79
CA GLU A 5 -3.93 -0.94 -29.58
C GLU A 5 -4.50 -0.06 -28.45
N SER A 6 -4.73 1.24 -28.72
CA SER A 6 -5.17 2.12 -27.67
C SER A 6 -6.52 1.70 -27.08
N ALA A 7 -7.44 1.22 -27.91
CA ALA A 7 -8.74 0.80 -27.36
C ALA A 7 -8.55 -0.34 -26.38
N ASP A 8 -7.66 -1.28 -26.70
CA ASP A 8 -7.38 -2.39 -25.78
C ASP A 8 -6.74 -1.92 -24.51
N LEU A 9 -5.88 -0.90 -24.59
CA LEU A 9 -5.30 -0.35 -23.37
C LEU A 9 -6.34 0.32 -22.48
N ARG A 10 -7.41 0.91 -23.05
CA ARG A 10 -8.49 1.46 -22.23
C ARG A 10 -9.30 0.33 -21.63
N ALA A 11 -9.55 -0.76 -22.36
CA ALA A 11 -10.29 -1.88 -21.75
C ALA A 11 -9.49 -2.49 -20.61
N LEU A 12 -8.16 -2.54 -20.73
CA LEU A 12 -7.31 -3.02 -19.63
C LEU A 12 -7.42 -2.06 -18.45
N ALA A 13 -7.32 -0.75 -18.70
CA ALA A 13 -7.45 0.21 -17.59
C ALA A 13 -8.77 0.06 -16.90
N LYS A 14 -9.85 -0.12 -17.64
CA LYS A 14 -11.17 -0.25 -17.02
C LYS A 14 -11.28 -1.55 -16.22
N HIS A 15 -10.75 -2.65 -16.76
CA HIS A 15 -10.74 -3.89 -16.00
C HIS A 15 -10.03 -3.70 -14.68
N LEU A 16 -8.85 -3.09 -14.70
CA LEU A 16 -8.12 -2.86 -13.46
C LEU A 16 -8.90 -1.97 -12.50
N TYR A 17 -9.50 -0.90 -12.98
CA TYR A 17 -10.31 -0.09 -12.07
C TYR A 17 -11.42 -0.91 -11.46
N ASP A 18 -12.14 -1.65 -12.26
CA ASP A 18 -13.24 -2.43 -11.71
C ASP A 18 -12.76 -3.43 -10.68
N SER A 19 -11.59 -4.02 -10.90
CA SER A 19 -11.03 -5.00 -9.97
C SER A 19 -10.55 -4.32 -8.69
N TYR A 20 -10.01 -3.11 -8.83
CA TYR A 20 -9.59 -2.33 -7.67
C TYR A 20 -10.79 -2.00 -6.80
N ILE A 21 -11.93 -1.61 -7.40
CA ILE A 21 -13.15 -1.35 -6.64
C ILE A 21 -13.62 -2.60 -5.93
N LYS A 22 -13.48 -3.78 -6.57
CA LYS A 22 -13.87 -5.01 -5.90
C LYS A 22 -12.95 -5.40 -4.75
N SER A 23 -11.67 -5.05 -4.82
CA SER A 23 -10.67 -5.50 -3.86
C SER A 23 -10.49 -4.58 -2.66
N PHE A 24 -10.75 -3.29 -2.82
CA PHE A 24 -10.37 -2.30 -1.80
C PHE A 24 -11.62 -1.58 -1.32
N PRO A 25 -12.10 -1.91 -0.11
CA PRO A 25 -13.36 -1.30 0.38
C PRO A 25 -13.30 0.20 0.51
N LEU A 26 -12.15 0.76 0.94
CA LEU A 26 -12.00 2.20 1.17
C LEU A 26 -11.13 2.76 0.05
N THR A 27 -11.78 3.34 -0.95
CA THR A 27 -11.07 3.93 -2.07
C THR A 27 -10.61 5.35 -1.76
N LYS A 28 -9.77 5.90 -2.65
CA LYS A 28 -9.37 7.29 -2.49
C LYS A 28 -10.58 8.22 -2.58
N ALA A 29 -11.49 7.97 -3.52
CA ALA A 29 -12.65 8.86 -3.61
C ALA A 29 -13.42 8.89 -2.30
N LYS A 30 -13.64 7.71 -1.70
CA LYS A 30 -14.37 7.65 -0.43
C LYS A 30 -13.56 8.28 0.70
N ALA A 31 -12.24 8.05 0.72
CA ALA A 31 -11.41 8.67 1.77
C ALA A 31 -11.37 10.20 1.67
N ARG A 32 -11.20 10.74 0.45
CA ARG A 32 -11.16 12.21 0.33
C ARG A 32 -12.47 12.85 0.76
N ALA A 33 -13.60 12.20 0.48
CA ALA A 33 -14.88 12.76 0.93
C ALA A 33 -14.93 12.85 2.45
N ILE A 34 -14.51 11.76 3.13
CA ILE A 34 -14.43 11.77 4.60
C ILE A 34 -13.48 12.86 5.07
N LEU A 35 -12.32 13.00 4.42
CA LEU A 35 -11.30 13.91 4.93
C LEU A 35 -11.69 15.37 4.78
N THR A 36 -12.38 15.69 3.69
CA THR A 36 -12.86 17.05 3.42
C THR A 36 -14.26 17.29 3.97
N GLY A 37 -14.92 16.28 4.52
CA GLY A 37 -16.20 16.49 5.17
C GLY A 37 -17.35 16.62 4.21
N LYS A 38 -17.32 15.89 3.11
CA LYS A 38 -18.32 15.96 2.07
C LYS A 38 -19.06 14.64 1.90
N THR A 39 -19.40 14.01 3.03
CA THR A 39 -20.10 12.74 3.04
C THR A 39 -21.26 12.81 4.03
N THR A 40 -22.25 11.92 3.83
CA THR A 40 -23.38 11.79 4.75
C THR A 40 -23.08 10.87 5.93
N ASP A 41 -21.98 10.10 5.87
CA ASP A 41 -21.64 9.21 6.98
C ASP A 41 -21.22 10.01 8.20
N LYS A 42 -21.31 9.36 9.37
CA LYS A 42 -20.91 9.99 10.61
C LYS A 42 -19.44 10.39 10.56
N SER A 43 -19.11 11.52 11.17
CA SER A 43 -17.75 12.04 11.14
C SER A 43 -16.81 11.07 11.88
N PRO A 44 -15.57 10.92 11.42
CA PRO A 44 -14.64 10.02 12.11
C PRO A 44 -14.31 10.56 13.50
N PHE A 45 -14.01 9.64 14.40
CA PHE A 45 -13.58 10.01 15.75
C PHE A 45 -12.12 10.45 15.72
N VAL A 46 -11.84 11.64 16.24
CA VAL A 46 -10.51 12.22 16.11
C VAL A 46 -9.67 11.85 17.33
N ILE A 47 -8.50 11.26 17.08
CA ILE A 47 -7.53 10.89 18.12
C ILE A 47 -6.34 11.83 17.99
N TYR A 48 -6.18 12.71 18.99
CA TYR A 48 -5.18 13.74 18.94
C TYR A 48 -4.36 13.81 20.22
N ASP A 49 -4.69 13.00 21.22
CA ASP A 49 -3.96 12.96 22.49
C ASP A 49 -4.29 11.65 23.19
N MET A 50 -3.75 11.47 24.40
CA MET A 50 -3.96 10.19 25.07
C MET A 50 -5.40 10.04 25.57
N ASN A 51 -6.00 11.15 26.00
CA ASN A 51 -7.38 11.12 26.47
C ASN A 51 -8.32 10.74 25.34
N SER A 52 -8.12 11.33 24.16
CA SER A 52 -8.96 11.00 23.01
C SER A 52 -8.67 9.60 22.48
N LEU A 53 -7.42 9.15 22.55
CA LEU A 53 -7.12 7.75 22.22
C LEU A 53 -7.93 6.79 23.07
N MET A 54 -7.94 7.02 24.39
CA MET A 54 -8.71 6.18 25.30
C MET A 54 -10.21 6.25 24.96
N MET A 55 -10.73 7.47 24.78
CA MET A 55 -12.15 7.62 24.48
C MET A 55 -12.54 6.86 23.22
N GLY A 56 -11.69 6.90 22.18
CA GLY A 56 -12.00 6.35 20.87
C GLY A 56 -11.51 4.95 20.61
N GLU A 57 -10.84 4.31 21.57
CA GLU A 57 -10.31 2.96 21.33
C GLU A 57 -11.39 1.97 20.91
N ASP A 58 -12.65 2.26 21.19
CA ASP A 58 -13.74 1.35 20.85
C ASP A 58 -14.30 1.59 19.45
N LYS A 59 -14.43 2.86 19.05
CA LYS A 59 -14.82 3.16 17.68
C LYS A 59 -13.76 2.77 16.66
N ILE A 60 -12.55 2.42 17.11
CA ILE A 60 -11.50 2.00 16.20
C ILE A 60 -11.09 0.57 16.51
N LYS A 73 0.73 -3.61 26.43
CA LYS A 73 -0.17 -2.71 27.14
C LYS A 73 0.22 -1.24 26.92
N GLU A 74 1.51 -0.94 26.83
CA GLU A 74 1.92 0.44 26.63
C GLU A 74 1.41 0.97 25.30
N VAL A 75 1.09 2.28 25.28
CA VAL A 75 0.30 2.89 24.20
C VAL A 75 0.98 2.71 22.84
N ALA A 76 2.27 3.03 22.77
CA ALA A 76 2.99 2.96 21.50
C ALA A 76 2.95 1.53 20.95
N ILE A 77 3.01 0.54 21.85
CA ILE A 77 2.96 -0.85 21.42
C ILE A 77 1.56 -1.21 20.94
N ARG A 78 0.52 -0.72 21.63
CA ARG A 78 -0.85 -1.03 21.20
C ARG A 78 -1.16 -0.43 19.84
N ILE A 79 -0.68 0.79 19.60
CA ILE A 79 -0.86 1.37 18.27
C ILE A 79 -0.09 0.56 17.23
N PHE A 80 1.16 0.20 17.54
CA PHE A 80 1.93 -0.61 16.58
C PHE A 80 1.29 -1.97 16.30
N GLN A 81 0.67 -2.60 17.30
CA GLN A 81 -0.02 -3.87 17.03
C GLN A 81 -1.25 -3.67 16.13
N GLY A 82 -2.02 -2.61 16.34
CA GLY A 82 -3.14 -2.36 15.45
C GLY A 82 -2.70 -2.05 14.02
N CYS A 83 -1.59 -1.31 13.88
CA CYS A 83 -0.98 -1.13 12.56
C CYS A 83 -0.73 -2.45 11.87
N GLN A 84 -0.22 -3.43 12.62
CA GLN A 84 0.09 -4.74 12.04
C GLN A 84 -1.16 -5.42 11.51
N PHE A 85 -2.24 -5.40 12.29
CA PHE A 85 -3.42 -6.13 11.85
C PHE A 85 -4.05 -5.48 10.63
N ARG A 86 -4.02 -4.15 10.58
CA ARG A 86 -4.46 -3.47 9.36
C ARG A 86 -3.57 -3.83 8.19
N SER A 87 -2.25 -3.90 8.41
CA SER A 87 -1.35 -4.26 7.32
C SER A 87 -1.63 -5.65 6.81
N VAL A 88 -1.92 -6.61 7.70
CA VAL A 88 -2.30 -7.96 7.28
C VAL A 88 -3.53 -7.93 6.41
N GLU A 89 -4.55 -7.17 6.82
CA GLU A 89 -5.75 -7.09 5.98
C GLU A 89 -5.44 -6.50 4.62
N ALA A 90 -4.61 -5.46 4.61
CA ALA A 90 -4.19 -4.87 3.33
C ALA A 90 -3.43 -5.85 2.46
N VAL A 91 -2.52 -6.66 3.02
CA VAL A 91 -1.84 -7.68 2.22
C VAL A 91 -2.85 -8.57 1.52
N GLN A 92 -3.88 -9.01 2.25
CA GLN A 92 -4.89 -9.88 1.63
C GLN A 92 -5.68 -9.17 0.54
N GLU A 93 -6.02 -7.90 0.72
CA GLU A 93 -6.74 -7.14 -0.34
C GLU A 93 -5.85 -6.96 -1.55
N ILE A 94 -4.58 -6.63 -1.31
CA ILE A 94 -3.64 -6.41 -2.41
C ILE A 94 -3.42 -7.70 -3.17
N THR A 95 -3.35 -8.85 -2.49
CA THR A 95 -3.18 -10.14 -3.15
C THR A 95 -4.39 -10.44 -4.03
N GLU A 96 -5.60 -10.12 -3.54
N GLU A 96 -5.61 -10.19 -3.57
CA GLU A 96 -6.82 -10.32 -4.33
CA GLU A 96 -6.73 -10.43 -4.47
C GLU A 96 -6.82 -9.45 -5.57
C GLU A 96 -6.65 -9.49 -5.67
N TYR A 97 -6.31 -8.22 -5.46
CA TYR A 97 -6.19 -7.33 -6.63
C TYR A 97 -5.12 -7.85 -7.58
N ALA A 98 -3.95 -8.29 -7.07
CA ALA A 98 -2.91 -8.83 -7.98
C ALA A 98 -3.45 -9.98 -8.81
N LYS A 99 -4.24 -10.85 -8.20
CA LYS A 99 -4.78 -12.01 -8.93
C LYS A 99 -5.73 -11.60 -10.01
N SER A 100 -6.22 -10.37 -10.02
CA SER A 100 -7.09 -9.86 -11.10
C SER A 100 -6.30 -9.27 -12.25
N ILE A 101 -5.00 -9.08 -12.11
CA ILE A 101 -4.18 -8.46 -13.19
C ILE A 101 -4.04 -9.53 -14.27
N PRO A 102 -4.46 -9.32 -15.50
CA PRO A 102 -4.37 -10.41 -16.51
C PRO A 102 -2.95 -10.90 -16.67
N GLY A 103 -2.81 -12.22 -16.60
CA GLY A 103 -1.52 -12.88 -16.68
C GLY A 103 -0.94 -13.23 -15.34
N PHE A 104 -1.31 -12.57 -14.25
CA PHE A 104 -0.63 -12.81 -13.00
C PHE A 104 -0.84 -14.23 -12.46
N VAL A 105 -2.07 -14.77 -12.44
CA VAL A 105 -2.28 -16.11 -11.84
C VAL A 105 -1.66 -17.21 -12.67
N ASN A 106 -1.27 -16.93 -13.93
CA ASN A 106 -0.62 -17.95 -14.75
C ASN A 106 0.89 -17.89 -14.58
N LEU A 107 1.44 -16.94 -13.84
CA LEU A 107 2.87 -16.98 -13.51
C LEU A 107 3.14 -18.17 -12.56
N ASP A 108 4.39 -18.66 -12.64
CA ASP A 108 4.85 -19.60 -11.62
C ASP A 108 4.48 -19.12 -10.24
N LEU A 109 3.96 -19.98 -9.39
CA LEU A 109 3.51 -19.57 -8.07
C LEU A 109 4.66 -19.01 -7.25
N ASN A 110 5.89 -19.53 -7.43
CA ASN A 110 7.04 -18.94 -6.73
C ASN A 110 7.17 -17.48 -7.09
N ASP A 111 6.99 -17.15 -8.38
CA ASP A 111 7.15 -15.77 -8.80
C ASP A 111 5.98 -14.90 -8.31
N GLN A 112 4.74 -15.42 -8.26
CA GLN A 112 3.67 -14.65 -7.63
C GLN A 112 4.03 -14.29 -6.21
N VAL A 113 4.57 -15.24 -5.44
CA VAL A 113 4.92 -14.99 -4.04
C VAL A 113 6.03 -13.95 -3.98
N THR A 114 7.06 -14.09 -4.82
CA THR A 114 8.15 -13.11 -4.80
C THR A 114 7.66 -11.71 -5.14
N LEU A 115 6.77 -11.58 -6.13
CA LEU A 115 6.30 -10.24 -6.51
C LEU A 115 5.52 -9.65 -5.36
N LEU A 116 4.72 -10.44 -4.66
CA LEU A 116 3.98 -9.86 -3.55
C LEU A 116 4.87 -9.58 -2.35
N LYS A 117 5.78 -10.49 -2.02
CA LYS A 117 6.69 -10.29 -0.90
C LYS A 117 7.41 -8.96 -0.99
N TYR A 118 7.92 -8.62 -2.18
CA TYR A 118 8.70 -7.40 -2.36
C TYR A 118 7.87 -6.22 -2.76
N GLY A 119 6.63 -6.39 -3.18
CA GLY A 119 5.79 -5.32 -3.68
C GLY A 119 4.77 -4.84 -2.68
N VAL A 120 4.36 -5.69 -1.74
N VAL A 120 4.32 -5.67 -1.74
CA VAL A 120 3.21 -5.32 -0.92
CA VAL A 120 3.14 -5.27 -0.98
C VAL A 120 3.43 -4.02 -0.21
C VAL A 120 3.39 -4.04 -0.09
N HIS A 121 4.60 -3.82 0.43
CA HIS A 121 4.78 -2.62 1.24
C HIS A 121 4.81 -1.37 0.38
N GLU A 122 5.36 -1.43 -0.83
CA GLU A 122 5.28 -0.26 -1.73
C GLU A 122 3.82 0.07 -2.02
N ILE A 123 2.97 -0.94 -2.19
CA ILE A 123 1.55 -0.69 -2.44
C ILE A 123 0.86 -0.17 -1.19
N ILE A 124 1.20 -0.71 -0.01
CA ILE A 124 0.61 -0.24 1.24
C ILE A 124 0.89 1.24 1.39
N TYR A 125 2.13 1.68 1.13
CA TYR A 125 2.45 3.09 1.31
C TYR A 125 1.78 3.96 0.26
N THR A 126 1.63 3.48 -0.95
CA THR A 126 0.90 4.20 -2.00
C THR A 126 -0.52 4.40 -1.56
N MET A 127 -1.19 3.35 -1.09
CA MET A 127 -2.62 3.43 -0.78
C MET A 127 -2.83 4.15 0.53
N LEU A 128 -1.86 4.10 1.48
CA LEU A 128 -1.96 4.90 2.68
C LEU A 128 -2.04 6.39 2.37
N ALA A 129 -1.33 6.84 1.33
CA ALA A 129 -1.37 8.25 1.00
C ALA A 129 -2.80 8.69 0.69
N SER A 130 -3.62 7.81 0.14
CA SER A 130 -5.02 8.14 -0.13
C SER A 130 -5.81 8.44 1.14
N LEU A 131 -5.35 7.98 2.29
CA LEU A 131 -6.02 8.12 3.57
C LEU A 131 -5.41 9.24 4.39
N MET A 132 -4.41 9.95 3.84
CA MET A 132 -3.66 10.93 4.60
C MET A 132 -3.85 12.34 4.06
N ASN A 133 -3.82 13.29 4.97
CA ASN A 133 -3.53 14.66 4.57
C ASN A 133 -2.36 15.12 5.42
N LYS A 134 -1.98 16.37 5.27
CA LYS A 134 -0.84 16.88 6.03
C LYS A 134 -1.05 16.82 7.54
N ASP A 135 -2.30 16.64 8.01
CA ASP A 135 -2.57 16.71 9.44
C ASP A 135 -2.91 15.38 10.09
N GLY A 136 -3.10 14.31 9.33
CA GLY A 136 -3.35 13.04 9.98
C GLY A 136 -3.78 12.00 8.96
N VAL A 137 -4.22 10.86 9.49
CA VAL A 137 -4.49 9.66 8.69
C VAL A 137 -5.79 9.01 9.15
N LEU A 138 -6.64 8.64 8.20
CA LEU A 138 -7.83 7.83 8.49
C LEU A 138 -7.46 6.41 8.88
N ILE A 139 -8.11 5.93 9.92
CA ILE A 139 -7.91 4.58 10.44
C ILE A 139 -9.25 3.89 10.59
N SER A 140 -9.20 2.56 10.69
CA SER A 140 -10.36 1.72 10.93
C SER A 140 -11.48 1.97 9.93
N GLU A 141 -11.13 1.82 8.65
CA GLU A 141 -12.10 1.93 7.57
C GLU A 141 -12.74 3.32 7.54
N GLY A 142 -11.96 4.33 7.92
CA GLY A 142 -12.46 5.68 7.91
C GLY A 142 -13.28 6.09 9.11
N GLN A 143 -13.42 5.23 10.13
CA GLN A 143 -14.18 5.56 11.34
C GLN A 143 -13.35 6.33 12.37
N GLY A 144 -12.04 6.44 12.18
CA GLY A 144 -11.21 7.21 13.07
C GLY A 144 -10.24 8.05 12.25
N PHE A 145 -9.68 9.07 12.88
CA PHE A 145 -8.66 9.94 12.28
C PHE A 145 -7.58 10.22 13.32
N MET A 146 -6.37 9.75 13.11
CA MET A 146 -5.28 9.96 14.05
C MET A 146 -4.39 11.07 13.57
N THR A 147 -4.10 12.03 14.45
CA THR A 147 -3.36 13.19 13.99
C THR A 147 -1.88 12.87 13.81
N ARG A 148 -1.28 13.55 12.82
CA ARG A 148 0.14 13.40 12.59
C ARG A 148 0.93 13.81 13.83
N GLU A 149 0.52 14.89 14.49
CA GLU A 149 1.23 15.34 15.68
C GLU A 149 1.14 14.31 16.80
N PHE A 150 0.00 13.63 16.92
CA PHE A 150 -0.12 12.63 17.98
C PHE A 150 0.82 11.47 17.71
N LEU A 151 0.88 11.02 16.45
CA LEU A 151 1.83 9.96 16.11
C LEU A 151 3.27 10.40 16.39
N LYS A 152 3.61 11.65 16.07
CA LYS A 152 4.91 12.21 16.42
C LYS A 152 5.15 12.20 17.92
N SER A 153 4.10 12.25 18.74
CA SER A 153 4.29 12.40 20.18
C SER A 153 4.66 11.09 20.87
N LEU A 154 4.61 9.97 20.16
CA LEU A 154 4.89 8.69 20.78
C LEU A 154 6.38 8.56 21.08
N ARG A 155 6.71 7.78 22.11
CA ARG A 155 8.09 7.66 22.54
C ARG A 155 8.94 6.99 21.46
N LYS A 156 10.24 7.32 21.46
CA LYS A 156 11.15 6.81 20.45
C LYS A 156 11.30 5.29 20.59
N PRO A 157 11.50 4.57 19.47
CA PRO A 157 11.54 5.04 18.06
C PRO A 157 10.17 5.12 17.38
N PHE A 158 9.12 4.77 18.11
CA PHE A 158 7.79 4.70 17.51
C PHE A 158 7.31 6.05 17.00
N GLY A 159 7.79 7.14 17.60
CA GLY A 159 7.41 8.48 17.15
C GLY A 159 7.92 8.86 15.77
N ASP A 160 8.84 8.10 15.20
CA ASP A 160 9.36 8.35 13.86
C ASP A 160 8.87 7.34 12.84
N PHE A 161 7.99 6.43 13.23
CA PHE A 161 7.57 5.39 12.31
C PHE A 161 6.81 5.96 11.12
N MET A 162 5.85 6.85 11.38
CA MET A 162 4.90 7.27 10.37
C MET A 162 5.35 8.50 9.60
N GLU A 163 6.21 9.33 10.19
CA GLU A 163 6.59 10.59 9.57
C GLU A 163 7.12 10.44 8.14
N PRO A 164 7.96 9.44 7.81
CA PRO A 164 8.37 9.29 6.40
C PRO A 164 7.22 9.00 5.47
N LYS A 165 6.18 8.31 5.95
CA LYS A 165 5.00 8.06 5.13
C LYS A 165 4.19 9.34 4.91
N PHE A 166 4.03 10.16 5.94
CA PHE A 166 3.37 11.44 5.75
C PHE A 166 4.13 12.32 4.75
N GLU A 167 5.47 12.33 4.83
CA GLU A 167 6.24 13.16 3.91
C GLU A 167 6.04 12.70 2.47
N PHE A 168 6.12 11.39 2.25
CA PHE A 168 5.82 10.81 0.95
C PHE A 168 4.41 11.19 0.50
N ALA A 169 3.43 11.05 1.40
CA ALA A 169 2.05 11.23 1.00
C ALA A 169 1.77 12.66 0.57
N VAL A 170 2.35 13.63 1.27
CA VAL A 170 2.03 15.01 0.90
C VAL A 170 2.49 15.31 -0.54
N LYS A 171 3.71 14.85 -0.91
CA LYS A 171 4.18 15.07 -2.27
C LYS A 171 3.44 14.20 -3.27
N PHE A 172 3.09 12.97 -2.87
CA PHE A 172 2.39 12.11 -3.82
C PHE A 172 0.99 12.62 -4.07
N ASN A 173 0.29 13.03 -3.01
CA ASN A 173 -1.05 13.56 -3.16
C ASN A 173 -1.10 14.80 -4.01
N ALA A 174 0.00 15.60 -4.06
CA ALA A 174 0.04 16.77 -4.92
C ALA A 174 -0.09 16.43 -6.41
N LEU A 175 0.15 15.17 -6.81
CA LEU A 175 -0.03 14.75 -8.19
C LEU A 175 -1.48 14.52 -8.56
N GLU A 176 -2.38 14.53 -7.56
CA GLU A 176 -3.83 14.53 -7.78
C GLU A 176 -4.32 13.31 -8.57
N LEU A 177 -3.74 12.14 -8.30
CA LEU A 177 -4.19 10.92 -8.95
C LEU A 177 -5.57 10.50 -8.46
N ASP A 178 -6.35 9.90 -9.31
CA ASP A 178 -7.63 9.32 -8.89
C ASP A 178 -7.49 7.81 -8.80
N ASP A 179 -8.57 7.14 -8.40
CA ASP A 179 -8.55 5.69 -8.25
C ASP A 179 -8.27 4.96 -9.57
N SER A 180 -8.75 5.50 -10.70
N SER A 180 -8.78 5.49 -10.69
CA SER A 180 -8.48 4.87 -11.97
CA SER A 180 -8.50 4.88 -11.98
C SER A 180 -7.00 4.93 -12.36
C SER A 180 -6.99 4.87 -12.25
N ASP A 181 -6.33 6.01 -12.00
CA ASP A 181 -4.89 6.10 -12.23
C ASP A 181 -4.16 5.17 -11.26
N LEU A 182 -4.59 5.15 -9.97
CA LEU A 182 -3.92 4.35 -8.96
C LEU A 182 -3.99 2.87 -9.29
N ALA A 183 -5.13 2.41 -9.84
CA ALA A 183 -5.23 0.99 -10.16
C ALA A 183 -4.15 0.55 -11.10
N ILE A 184 -3.83 1.36 -12.09
CA ILE A 184 -2.78 0.95 -13.04
C ILE A 184 -1.42 1.11 -12.43
N PHE A 185 -1.18 2.22 -11.71
CA PHE A 185 0.11 2.45 -11.07
C PHE A 185 0.46 1.26 -10.14
N ILE A 186 -0.49 0.82 -9.34
CA ILE A 186 -0.26 -0.31 -8.41
C ILE A 186 0.07 -1.57 -9.19
N ALA A 187 -0.66 -1.85 -10.27
CA ALA A 187 -0.36 -3.04 -11.07
C ALA A 187 1.04 -2.99 -11.65
N VAL A 188 1.50 -1.84 -12.13
CA VAL A 188 2.85 -1.71 -12.65
C VAL A 188 3.86 -2.08 -11.59
N ILE A 189 3.68 -1.59 -10.36
CA ILE A 189 4.62 -1.89 -9.29
C ILE A 189 4.64 -3.38 -8.95
N ILE A 190 3.46 -3.99 -8.89
CA ILE A 190 3.42 -5.43 -8.55
C ILE A 190 4.21 -6.22 -9.59
N LEU A 191 4.06 -5.91 -10.89
CA LEU A 191 4.68 -6.68 -11.99
C LEU A 191 6.08 -6.15 -12.24
N SER A 192 6.91 -6.09 -11.18
CA SER A 192 8.31 -5.63 -11.33
C SER A 192 9.27 -6.81 -11.58
N GLY A 193 9.91 -6.82 -12.72
CA GLY A 193 10.77 -7.94 -13.11
C GLY A 193 12.09 -8.02 -12.47
N ASP A 194 12.45 -7.03 -11.66
CA ASP A 194 13.75 -6.94 -11.03
C ASP A 194 13.77 -7.40 -9.57
N ARG A 195 12.66 -8.01 -9.09
CA ARG A 195 12.67 -8.46 -7.71
C ARG A 195 13.63 -9.63 -7.51
N PRO A 196 14.28 -9.74 -6.35
CA PRO A 196 15.30 -10.79 -6.20
C PRO A 196 14.67 -12.18 -6.19
N GLY A 197 15.25 -13.12 -6.92
CA GLY A 197 14.83 -14.51 -6.87
C GLY A 197 13.73 -14.88 -7.84
N LEU A 198 13.33 -13.98 -8.75
CA LEU A 198 12.34 -14.34 -9.76
C LEU A 198 12.91 -15.36 -10.71
N LEU A 199 12.12 -16.39 -10.99
CA LEU A 199 12.56 -17.50 -11.83
C LEU A 199 12.35 -17.23 -13.31
N ASN A 200 11.29 -16.53 -13.70
CA ASN A 200 10.97 -16.32 -15.13
C ASN A 200 10.63 -14.85 -15.30
N VAL A 201 11.64 -14.05 -15.64
CA VAL A 201 11.47 -12.59 -15.69
C VAL A 201 10.74 -12.16 -16.93
N LYS A 202 10.93 -12.80 -18.08
CA LYS A 202 10.35 -12.29 -19.33
C LYS A 202 8.86 -12.19 -19.29
N PRO A 203 8.08 -13.19 -18.81
CA PRO A 203 6.63 -12.98 -18.82
C PRO A 203 6.20 -11.85 -17.93
N ILE A 204 6.93 -11.59 -16.84
CA ILE A 204 6.58 -10.48 -15.97
C ILE A 204 6.83 -9.16 -16.69
N GLU A 205 7.97 -9.04 -17.33
CA GLU A 205 8.31 -7.79 -18.02
C GLU A 205 7.36 -7.58 -19.18
N ASP A 206 6.88 -8.64 -19.82
CA ASP A 206 5.92 -8.47 -20.91
C ASP A 206 4.61 -7.92 -20.38
N ILE A 207 4.10 -8.45 -19.25
CA ILE A 207 2.90 -7.90 -18.63
C ILE A 207 3.14 -6.47 -18.20
N GLN A 208 4.27 -6.20 -17.57
CA GLN A 208 4.52 -4.84 -17.10
C GLN A 208 4.63 -3.85 -18.26
N ASP A 209 5.21 -4.24 -19.37
CA ASP A 209 5.38 -3.29 -20.47
C ASP A 209 4.01 -2.87 -20.96
N ASN A 210 3.07 -3.80 -21.04
CA ASN A 210 1.71 -3.48 -21.45
C ASN A 210 1.03 -2.63 -20.41
N LEU A 211 1.19 -2.91 -19.14
CA LEU A 211 0.65 -2.05 -18.10
C LEU A 211 1.25 -0.66 -18.15
N LEU A 212 2.53 -0.51 -18.43
CA LEU A 212 3.13 0.82 -18.53
C LEU A 212 2.52 1.58 -19.70
N GLN A 213 2.32 0.96 -20.86
CA GLN A 213 1.63 1.64 -21.97
C GLN A 213 0.20 2.01 -21.53
N ALA A 214 -0.51 1.18 -20.79
CA ALA A 214 -1.83 1.56 -20.32
C ALA A 214 -1.75 2.73 -19.37
N LEU A 215 -0.74 2.77 -18.51
CA LEU A 215 -0.62 3.89 -17.55
C LEU A 215 -0.30 5.16 -18.30
N GLU A 216 0.57 5.14 -19.30
CA GLU A 216 0.87 6.35 -20.04
C GLU A 216 -0.36 6.89 -20.71
N LEU A 217 -1.17 6.05 -21.34
CA LEU A 217 -2.36 6.54 -22.02
C LEU A 217 -3.38 7.04 -20.98
N GLN A 218 -3.58 6.35 -19.87
CA GLN A 218 -4.45 6.82 -18.82
C GLN A 218 -4.08 8.20 -18.37
N LEU A 219 -2.81 8.49 -18.15
CA LEU A 219 -2.45 9.80 -17.63
C LEU A 219 -2.58 10.86 -18.71
N LYS A 220 -2.30 10.55 -20.00
CA LYS A 220 -2.51 11.52 -21.07
C LYS A 220 -3.99 11.88 -21.20
N LEU A 221 -4.89 10.94 -21.05
CA LEU A 221 -6.31 11.24 -21.25
C LEU A 221 -6.92 11.84 -19.99
N ASN A 222 -6.55 11.36 -18.82
CA ASN A 222 -7.20 11.81 -17.56
C ASN A 222 -6.54 13.05 -16.99
N HIS A 223 -5.28 13.35 -17.36
CA HIS A 223 -4.57 14.55 -16.88
C HIS A 223 -3.89 15.25 -18.03
N PRO A 224 -4.67 15.71 -19.00
CA PRO A 224 -4.09 16.24 -20.23
C PRO A 224 -3.23 17.46 -20.01
N GLU A 225 -3.41 18.19 -18.91
CA GLU A 225 -2.65 19.41 -18.69
C GLU A 225 -1.46 19.18 -17.75
N SER A 226 -1.25 17.96 -17.30
CA SER A 226 -0.24 17.62 -16.29
C SER A 226 0.98 17.08 -17.01
N SER A 227 1.88 18.01 -17.32
CA SER A 227 3.03 17.68 -18.13
C SER A 227 3.94 16.75 -17.34
N GLN A 228 4.40 15.71 -18.03
CA GLN A 228 5.41 14.79 -17.52
C GLN A 228 4.92 14.03 -16.31
N LEU A 229 3.60 13.89 -16.16
CA LEU A 229 3.08 13.12 -15.03
C LEU A 229 3.56 11.68 -15.05
N PHE A 230 3.63 11.06 -16.21
CA PHE A 230 4.12 9.69 -16.30
C PHE A 230 5.54 9.60 -15.77
N ALA A 231 6.45 10.46 -16.22
CA ALA A 231 7.81 10.44 -15.68
C ALA A 231 7.81 10.65 -14.17
N LYS A 232 6.96 11.52 -13.68
CA LYS A 232 6.91 11.74 -12.23
C LYS A 232 6.47 10.46 -11.53
N LEU A 233 5.49 9.73 -12.06
CA LEU A 233 5.10 8.47 -11.41
C LEU A 233 6.20 7.43 -11.47
N LEU A 234 6.97 7.34 -12.58
CA LEU A 234 8.10 6.41 -12.59
C LEU A 234 9.05 6.74 -11.47
N GLN A 235 9.29 8.03 -11.22
CA GLN A 235 10.20 8.37 -10.16
C GLN A 235 9.60 8.04 -8.81
N LYS A 236 8.29 8.14 -8.63
CA LYS A 236 7.68 7.72 -7.34
C LYS A 236 7.91 6.26 -7.09
N MET A 237 7.94 5.43 -8.14
CA MET A 237 8.23 4.00 -7.95
C MET A 237 9.61 3.82 -7.35
N THR A 238 10.61 4.54 -7.86
CA THR A 238 11.93 4.54 -7.23
C THR A 238 11.87 5.01 -5.78
N ASP A 239 11.14 6.10 -5.53
CA ASP A 239 11.09 6.64 -4.17
C ASP A 239 10.46 5.62 -3.22
N LEU A 240 9.45 4.91 -3.69
CA LEU A 240 8.76 3.96 -2.80
C LEU A 240 9.69 2.82 -2.40
N ARG A 241 10.62 2.45 -3.27
CA ARG A 241 11.54 1.39 -2.86
C ARG A 241 12.44 1.86 -1.76
N GLN A 242 12.83 3.12 -1.82
CA GLN A 242 13.73 3.66 -0.83
C GLN A 242 13.03 3.81 0.50
N ILE A 243 11.78 4.28 0.48
CA ILE A 243 10.92 4.28 1.66
C ILE A 243 10.87 2.92 2.32
N VAL A 244 10.61 1.87 1.51
CA VAL A 244 10.46 0.54 2.09
C VAL A 244 11.77 0.04 2.68
N THR A 245 12.89 0.27 1.97
CA THR A 245 14.20 -0.05 2.52
C THR A 245 14.39 0.60 3.89
N GLU A 246 14.08 1.88 3.99
CA GLU A 246 14.25 2.59 5.24
C GLU A 246 13.33 2.04 6.32
N HIS A 247 12.13 1.62 5.93
CA HIS A 247 11.16 1.09 6.87
C HIS A 247 11.63 -0.23 7.43
N VAL A 248 12.10 -1.12 6.55
CA VAL A 248 12.70 -2.37 7.00
C VAL A 248 13.80 -2.13 8.03
N GLN A 249 14.62 -1.08 7.86
CA GLN A 249 15.65 -0.77 8.85
C GLN A 249 15.06 -0.37 10.19
N LEU A 250 14.07 0.53 10.19
CA LEU A 250 13.40 0.90 11.45
C LEU A 250 12.85 -0.32 12.16
N LEU A 251 12.32 -1.28 11.40
CA LEU A 251 11.79 -2.50 12.01
C LEU A 251 12.88 -3.34 12.61
N GLN A 252 14.08 -3.34 12.00
CA GLN A 252 15.16 -4.12 12.57
C GLN A 252 15.59 -3.56 13.93
N VAL A 253 15.39 -2.26 14.16
CA VAL A 253 15.64 -1.69 15.48
C VAL A 253 14.60 -2.13 16.50
N ILE A 254 13.33 -2.28 16.08
CA ILE A 254 12.27 -2.68 17.01
C ILE A 254 12.57 -4.04 17.63
N LYS A 255 13.10 -4.97 16.82
CA LYS A 255 13.34 -6.32 17.32
C LYS A 255 14.61 -6.43 18.15
N LYS A 256 15.42 -5.37 18.20
CA LYS A 256 16.65 -5.38 18.99
C LYS A 256 16.57 -4.52 20.25
N THR A 257 15.53 -3.70 20.39
CA THR A 257 15.35 -2.89 21.59
C THR A 257 13.98 -3.02 22.26
N GLU A 258 13.03 -3.71 21.64
CA GLU A 258 11.66 -3.80 22.13
C GLU A 258 11.25 -5.27 22.23
N THR A 259 10.94 -5.72 23.43
CA THR A 259 10.32 -7.02 23.65
C THR A 259 8.80 -6.83 23.73
N ASP A 260 8.09 -7.91 24.03
CA ASP A 260 6.63 -7.98 23.87
C ASP A 260 6.19 -7.61 22.44
N MET A 261 7.16 -7.66 21.52
CA MET A 261 7.06 -7.08 20.18
C MET A 261 7.33 -8.16 19.14
N SER A 262 6.31 -8.94 18.82
CA SER A 262 6.41 -10.00 17.83
C SER A 262 5.44 -9.70 16.71
N LEU A 263 5.91 -9.81 15.46
CA LEU A 263 5.04 -9.52 14.34
C LEU A 263 4.05 -10.66 14.11
N HIS A 264 2.92 -10.29 13.59
CA HIS A 264 1.94 -11.25 13.10
C HIS A 264 2.60 -12.26 12.14
N PRO A 265 2.15 -13.53 12.15
CA PRO A 265 2.82 -14.54 11.32
C PRO A 265 2.89 -14.22 9.82
N LEU A 266 1.88 -13.58 9.24
CA LEU A 266 1.97 -13.24 7.84
C LEU A 266 3.04 -12.20 7.60
N LEU A 267 3.18 -11.21 8.49
CA LEU A 267 4.23 -10.22 8.33
C LEU A 267 5.60 -10.83 8.57
N GLN A 268 5.71 -11.75 9.52
CA GLN A 268 6.99 -12.42 9.75
C GLN A 268 7.44 -13.11 8.46
N GLU A 269 6.49 -13.75 7.77
CA GLU A 269 6.84 -14.49 6.58
C GLU A 269 7.30 -13.53 5.47
N ILE A 270 6.59 -12.40 5.34
CA ILE A 270 6.96 -11.39 4.33
C ILE A 270 8.34 -10.80 4.64
N TYR A 271 8.57 -10.42 5.91
CA TYR A 271 9.81 -9.75 6.29
C TYR A 271 11.03 -10.69 6.31
N LYS A 272 10.82 -11.99 6.43
CA LYS A 272 11.97 -12.90 6.54
C LYS A 272 12.76 -12.87 5.25
N ASP A 273 14.04 -12.49 5.32
CA ASP A 273 14.91 -12.41 4.15
C ASP A 273 14.44 -11.33 3.16
N LEU A 274 13.70 -10.34 3.68
CA LEU A 274 13.30 -9.18 2.89
C LEU A 274 14.33 -8.08 3.08
N TYR A 275 14.97 -7.68 1.99
CA TYR A 275 16.06 -6.69 2.07
C TYR A 275 17.10 -7.02 3.14
N ASN B 5 9.12 -26.11 -4.23
CA ASN B 5 9.89 -24.98 -4.77
C ASN B 5 10.39 -24.08 -3.62
N SER B 6 11.53 -23.41 -3.74
CA SER B 6 12.15 -22.92 -2.51
C SER B 6 11.39 -21.73 -1.95
N VAL B 7 10.98 -20.80 -2.82
CA VAL B 7 10.18 -19.67 -2.37
C VAL B 7 8.87 -20.19 -1.81
N AC5 B 8 8.24 -21.10 -2.51
O AC5 B 8 6.11 -22.03 0.11
CA AC5 B 8 6.90 -21.65 -2.13
C AC5 B 8 6.99 -22.24 -0.72
CB1 AC5 B 8 6.49 -22.75 -3.11
CB2 AC5 B 8 5.82 -20.56 -2.25
CG1 AC5 B 8 5.25 -22.24 -3.86
CG2 AC5 B 8 5.18 -20.75 -3.62
N VAL B 9 8.06 -22.99 -0.47
CA VAL B 9 8.23 -23.65 0.82
C VAL B 9 8.37 -22.67 1.98
N ARG B 10 8.95 -21.50 1.71
CA ARG B 10 9.20 -20.50 2.75
C ARG B 10 8.04 -19.53 2.93
N HIS B 11 6.96 -19.69 2.18
CA HIS B 11 5.85 -18.73 2.28
C HIS B 11 4.51 -19.45 2.31
N AC5 B 12 4.26 -20.21 3.36
O AC5 B 12 0.87 -20.55 2.75
CA AC5 B 12 3.06 -21.09 3.49
C AC5 B 12 1.80 -20.21 3.43
CB1 AC5 B 12 3.11 -22.21 2.44
CB2 AC5 B 12 3.11 -21.85 4.82
CG1 AC5 B 12 4.10 -23.20 3.04
CG2 AC5 B 12 3.76 -23.22 4.52
N LEU B 13 1.83 -19.09 4.14
CA LEU B 13 0.62 -18.26 4.23
C LEU B 13 0.35 -17.47 2.97
N LEU B 14 1.39 -16.84 2.40
CA LEU B 14 1.16 -16.15 1.11
C LEU B 14 0.69 -17.14 0.06
N THR B 15 1.21 -18.37 0.08
CA THR B 15 0.74 -19.36 -0.89
C THR B 15 -0.74 -19.67 -0.70
N ALA B 16 -1.19 -19.81 0.57
CA ALA B 16 -2.59 -20.13 0.80
C ALA B 16 -3.48 -19.00 0.27
N ILE B 17 -3.08 -17.75 0.49
CA ILE B 17 -3.89 -16.62 0.03
C ILE B 17 -3.92 -16.59 -1.50
N LEU B 18 -2.77 -16.84 -2.15
CA LEU B 18 -2.73 -16.84 -3.59
C LEU B 18 -3.57 -17.96 -4.20
N AC5 B 19 -3.55 -19.16 -3.62
O AC5 B 19 -6.46 -20.76 -4.91
CA AC5 B 19 -4.26 -20.37 -4.12
C AC5 B 19 -5.73 -20.10 -4.17
CB1 AC5 B 19 -3.72 -20.83 -5.50
CB2 AC5 B 19 -3.95 -21.54 -3.21
CG1 AC5 B 19 -2.58 -21.82 -5.21
CG2 AC5 B 19 -2.61 -22.12 -3.74
N NH2 B 20 -6.29 -19.23 -3.19
C1 PEG C . 10.57 0.18 -15.92
O1 PEG C . 11.02 -1.07 -16.40
C2 PEG C . 9.76 -0.06 -14.69
O2 PEG C . 9.47 1.10 -13.95
C3 PEG C . 10.65 1.73 -13.52
C4 PEG C . 10.49 2.76 -12.44
O4 PEG C . 11.46 3.78 -12.64
#